data_1AKB
#
_entry.id   1AKB
#
_cell.length_a   70.100
_cell.length_b   91.800
_cell.length_c   129.000
_cell.angle_alpha   90.00
_cell.angle_beta   90.00
_cell.angle_gamma   90.00
#
_symmetry.space_group_name_H-M   'C 2 2 21'
#
loop_
_entity.id
_entity.type
_entity.pdbx_description
1 polymer 'ASPARTATE AMINOTRANSFERASE'
2 non-polymer '2-[(3-HYDROXY-2-METHYL-5-PHOSPHONOOXYMETHYL-PYRIDIN-4-YLMETHYLENE)-AMINO]-SUCCINIC ACID'
3 water water
#
_entity_poly.entity_id   1
_entity_poly.type   'polypeptide(L)'
_entity_poly.pdbx_seq_one_letter_code
;SSWWSHVEMGPPDPILGVTEAFKRDTNSKKMNLGVGAYRDDNGKPYVLNCVRKAEAMIAAKKMDKEYLPIAGLADFTRAS
AELALGENSEAFKSGRYVTVQGISGTGSLRVGANFLQRFFKFSRDVYLPKPSWGNHTPIFRDAGLQLQAYRYYDPKTCSL
DFTGAMEDISKIPEKSIILLHACAHNPTGVDPRQEQWKELASVVKKRNLLAYFDMAYQGFASGDINRDAWALRHFIEQGI
DVVLSQSYAHNMGLYGERAGAFTVICRDAEEAKRVESQLKILIRPMYSNPPMNGARIASLILNTPELRKEWLVEVKGMAD
RIISMRTQLVSNLKKEGSSHNWQHITDQIGMFCFTGLKPEQVERLTKEFSIYMTKDGRISVAGVASSNVGYLAHAIHQVT
K
;
_entity_poly.pdbx_strand_id   A
#
loop_
_chem_comp.id
_chem_comp.type
_chem_comp.name
_chem_comp.formula
PPD non-polymer '2-[(3-HYDROXY-2-METHYL-5-PHOSPHONOOXYMETHYL-PYRIDIN-4-YLMETHYLENE)-AMINO]-SUCCINIC ACID' 'C12 H17 N2 O9 P'
#
# COMPACT_ATOMS: atom_id res chain seq x y z
N SER A 1 22.11 -16.78 34.51
CA SER A 1 22.34 -16.24 33.15
C SER A 1 22.29 -17.42 32.17
N SER A 2 21.28 -17.38 31.34
CA SER A 2 20.96 -18.34 30.29
C SER A 2 21.34 -17.66 28.97
N TRP A 3 20.87 -18.21 27.86
CA TRP A 3 21.14 -17.67 26.53
C TRP A 3 20.57 -16.29 26.24
N TRP A 4 19.32 -16.08 26.65
CA TRP A 4 18.62 -14.82 26.34
C TRP A 4 18.33 -13.87 27.48
N SER A 5 19.22 -13.88 28.45
CA SER A 5 19.05 -13.01 29.63
C SER A 5 19.21 -11.55 29.23
N HIS A 6 19.97 -11.30 28.20
CA HIS A 6 20.26 -9.98 27.65
C HIS A 6 19.27 -9.43 26.64
N VAL A 7 18.37 -10.27 26.15
CA VAL A 7 17.37 -9.81 25.16
C VAL A 7 16.33 -8.94 25.86
N GLU A 8 16.21 -7.70 25.41
CA GLU A 8 15.26 -6.75 26.03
C GLU A 8 13.87 -6.72 25.42
N MET A 9 13.00 -6.15 26.26
CA MET A 9 11.58 -6.01 25.87
C MET A 9 11.57 -4.96 24.77
N GLY A 10 11.10 -5.36 23.61
CA GLY A 10 11.04 -4.38 22.47
C GLY A 10 9.60 -3.86 22.54
N PRO A 11 9.37 -2.71 21.93
CA PRO A 11 8.03 -2.11 21.89
C PRO A 11 7.11 -2.68 20.82
N PRO A 12 5.82 -2.43 21.00
CA PRO A 12 4.79 -2.90 20.04
C PRO A 12 4.85 -2.08 18.77
N ASP A 13 4.52 -2.76 17.68
CA ASP A 13 4.51 -2.09 16.37
C ASP A 13 3.57 -0.88 16.39
N PRO A 14 4.05 0.25 15.89
CA PRO A 14 3.24 1.46 15.81
C PRO A 14 1.90 1.31 15.12
N ILE A 15 1.68 0.34 14.24
CA ILE A 15 0.39 0.22 13.57
C ILE A 15 -0.31 -1.03 14.09
N LEU A 16 0.39 -2.14 13.89
CA LEU A 16 -0.09 -3.48 14.27
C LEU A 16 -0.35 -3.59 15.75
N GLY A 17 0.49 -2.87 16.48
CA GLY A 17 0.33 -2.83 17.97
C GLY A 17 -1.04 -2.19 18.26
N VAL A 18 -1.60 -1.32 17.43
CA VAL A 18 -2.89 -0.67 17.70
C VAL A 18 -4.02 -1.69 17.77
N THR A 19 -3.96 -2.66 16.87
CA THR A 19 -5.01 -3.70 16.95
C THR A 19 -4.86 -4.53 18.22
N GLU A 20 -3.64 -4.77 18.71
CA GLU A 20 -3.50 -5.59 19.95
C GLU A 20 -4.17 -4.90 21.14
N ALA A 21 -3.95 -3.61 21.28
CA ALA A 21 -4.50 -2.75 22.34
C ALA A 21 -6.02 -2.61 22.22
N PHE A 22 -6.46 -2.56 20.98
CA PHE A 22 -7.89 -2.44 20.66
C PHE A 22 -8.63 -3.70 21.09
N LYS A 23 -7.98 -4.84 20.82
CA LYS A 23 -8.56 -6.15 21.13
C LYS A 23 -8.97 -6.31 22.59
N ARG A 24 -8.19 -5.81 23.51
CA ARG A 24 -8.34 -5.82 24.94
C ARG A 24 -9.37 -4.90 25.60
N ASP A 25 -9.75 -3.82 24.97
CA ASP A 25 -10.72 -2.85 25.53
C ASP A 25 -12.11 -3.48 25.66
N THR A 26 -12.80 -3.17 26.76
CA THR A 26 -14.15 -3.74 26.96
C THR A 26 -15.26 -2.78 26.55
N ASN A 27 -14.89 -1.57 26.12
CA ASN A 27 -15.89 -0.57 25.69
C ASN A 27 -16.62 -1.11 24.45
N SER A 28 -17.92 -1.32 24.59
CA SER A 28 -18.74 -1.80 23.46
C SER A 28 -18.84 -0.82 22.29
N LYS A 29 -18.47 0.44 22.39
CA LYS A 29 -18.48 1.43 21.31
C LYS A 29 -17.08 1.63 20.70
N LYS A 30 -16.12 0.81 21.08
CA LYS A 30 -14.73 0.91 20.59
C LYS A 30 -14.69 0.78 19.08
N MET A 31 -13.75 1.48 18.47
CA MET A 31 -13.55 1.50 17.01
C MET A 31 -12.04 1.37 16.73
N ASN A 32 -11.67 0.46 15.85
CA ASN A 32 -10.27 0.21 15.45
C ASN A 32 -10.01 0.92 14.12
N LEU A 33 -9.48 2.12 14.20
CA LEU A 33 -9.16 3.00 13.08
C LEU A 33 -7.65 3.11 12.89
N GLY A 34 -6.97 2.07 13.36
CA GLY A 34 -5.50 2.02 13.25
C GLY A 34 -5.14 1.52 11.85
N VAL A 35 -5.01 0.21 11.71
CA VAL A 35 -4.62 -0.42 10.44
C VAL A 35 -5.64 -0.11 9.35
N GLY A 36 -5.13 -0.11 8.13
CA GLY A 36 -6.01 0.21 6.97
C GLY A 36 -6.77 -1.04 6.57
N ALA A 37 -7.93 -1.29 7.16
CA ALA A 37 -8.72 -2.48 6.77
C ALA A 37 -10.15 -2.01 6.51
N TYR A 38 -10.61 -2.43 5.34
CA TYR A 38 -11.95 -2.02 4.92
C TYR A 38 -13.01 -2.73 5.77
N ARG A 39 -14.03 -1.95 6.06
CA ARG A 39 -15.19 -2.42 6.83
C ARG A 39 -16.42 -2.11 5.96
N ASP A 40 -17.42 -2.97 6.10
CA ASP A 40 -18.66 -2.74 5.31
C ASP A 40 -19.46 -1.74 6.13
N ASP A 41 -20.62 -1.32 5.61
CA ASP A 41 -21.44 -0.30 6.29
C ASP A 41 -22.07 -0.67 7.63
N ASN A 42 -21.84 -1.87 8.11
CA ASN A 42 -22.33 -2.35 9.40
C ASN A 42 -21.09 -2.31 10.33
N GLY A 43 -19.97 -1.99 9.67
CA GLY A 43 -18.66 -1.89 10.32
C GLY A 43 -18.15 -3.29 10.60
N LYS A 44 -18.30 -4.11 9.58
CA LYS A 44 -17.88 -5.53 9.70
C LYS A 44 -16.92 -5.92 8.58
N PRO A 45 -16.05 -6.87 8.90
CA PRO A 45 -15.06 -7.39 7.93
C PRO A 45 -15.83 -7.78 6.68
N TYR A 46 -15.29 -7.39 5.53
CA TYR A 46 -15.97 -7.70 4.27
C TYR A 46 -15.12 -8.52 3.31
N VAL A 47 -15.64 -9.68 2.98
CA VAL A 47 -15.05 -10.64 2.03
C VAL A 47 -15.86 -10.43 0.73
N LEU A 48 -15.17 -9.99 -0.29
CA LEU A 48 -15.87 -9.69 -1.55
C LEU A 48 -16.59 -10.92 -2.10
N ASN A 49 -17.64 -10.57 -2.81
CA ASN A 49 -18.54 -11.49 -3.48
C ASN A 49 -17.72 -12.35 -4.45
N CYS A 50 -16.92 -11.66 -5.25
CA CYS A 50 -16.10 -12.41 -6.23
C CYS A 50 -15.14 -13.36 -5.52
N VAL A 51 -14.65 -13.00 -4.33
CA VAL A 51 -13.71 -13.85 -3.58
C VAL A 51 -14.45 -15.11 -3.18
N ARG A 52 -15.62 -14.88 -2.58
CA ARG A 52 -16.48 -16.01 -2.15
C ARG A 52 -16.72 -16.97 -3.31
N LYS A 53 -17.02 -16.47 -4.50
CA LYS A 53 -17.25 -17.36 -5.66
C LYS A 53 -15.97 -18.04 -6.13
N ALA A 54 -14.84 -17.35 -6.12
CA ALA A 54 -13.52 -17.87 -6.51
C ALA A 54 -13.23 -19.09 -5.64
N GLU A 55 -13.41 -18.88 -4.34
CA GLU A 55 -13.23 -19.94 -3.33
C GLU A 55 -14.03 -21.19 -3.66
N ALA A 56 -15.29 -20.97 -4.02
CA ALA A 56 -16.24 -22.03 -4.38
C ALA A 56 -15.78 -22.83 -5.59
N MET A 57 -15.23 -22.16 -6.58
CA MET A 57 -14.74 -22.86 -7.79
C MET A 57 -13.57 -23.77 -7.42
N ILE A 58 -12.72 -23.23 -6.56
CA ILE A 58 -11.53 -23.92 -6.07
C ILE A 58 -11.88 -25.21 -5.37
N ALA A 59 -12.92 -25.11 -4.55
CA ALA A 59 -13.40 -26.24 -3.73
C ALA A 59 -13.92 -27.36 -4.61
N ALA A 60 -14.86 -26.92 -5.44
CA ALA A 60 -15.58 -27.76 -6.40
C ALA A 60 -14.61 -28.54 -7.27
N LYS A 61 -13.53 -27.90 -7.65
CA LYS A 61 -12.48 -28.48 -8.48
C LYS A 61 -11.62 -29.50 -7.76
N LYS A 62 -11.65 -29.57 -6.45
CA LYS A 62 -10.87 -30.52 -5.65
C LYS A 62 -9.38 -30.49 -5.98
N MET A 63 -8.81 -29.29 -5.89
CA MET A 63 -7.38 -29.12 -6.21
C MET A 63 -6.44 -29.66 -5.14
N ASP A 64 -5.26 -30.03 -5.66
CA ASP A 64 -4.20 -30.51 -4.74
C ASP A 64 -3.63 -29.29 -3.98
N LYS A 65 -2.65 -29.56 -3.14
CA LYS A 65 -1.91 -28.64 -2.29
C LYS A 65 -0.40 -28.81 -2.46
N GLU A 66 0.00 -29.29 -3.64
CA GLU A 66 1.43 -29.48 -3.90
C GLU A 66 2.17 -28.16 -3.99
N TYR A 67 3.45 -28.21 -3.71
CA TYR A 67 4.32 -27.03 -3.75
C TYR A 67 4.24 -26.36 -5.13
N LEU A 68 4.30 -25.05 -5.07
CA LEU A 68 4.31 -24.17 -6.24
C LEU A 68 5.79 -23.90 -6.55
N PRO A 69 6.08 -23.55 -7.79
CA PRO A 69 7.45 -23.21 -8.17
C PRO A 69 7.93 -22.10 -7.22
N ILE A 70 9.22 -21.89 -7.09
CA ILE A 70 9.76 -20.84 -6.24
C ILE A 70 9.19 -19.48 -6.60
N ALA A 71 8.96 -19.17 -7.86
CA ALA A 71 8.44 -17.87 -8.28
C ALA A 71 6.94 -17.64 -8.19
N GLY A 72 6.18 -18.65 -7.82
CA GLY A 72 4.71 -18.46 -7.71
C GLY A 72 3.86 -19.11 -8.78
N LEU A 73 2.55 -18.87 -8.70
CA LEU A 73 1.61 -19.44 -9.69
C LEU A 73 1.80 -18.63 -10.98
N ALA A 74 2.13 -19.27 -12.09
CA ALA A 74 2.36 -18.54 -13.34
C ALA A 74 1.23 -17.63 -13.80
N ASP A 75 0.02 -18.11 -13.67
CA ASP A 75 -1.22 -17.39 -14.04
C ASP A 75 -1.43 -16.14 -13.18
N PHE A 76 -1.05 -16.28 -11.91
CA PHE A 76 -1.20 -15.15 -10.97
C PHE A 76 -0.18 -14.06 -11.31
N THR A 77 1.01 -14.54 -11.57
CA THR A 77 2.20 -13.73 -11.89
C THR A 77 2.08 -12.98 -13.18
N ARG A 78 1.64 -13.67 -14.22
CA ARG A 78 1.41 -13.03 -15.53
C ARG A 78 0.26 -12.02 -15.41
N ALA A 79 -0.81 -12.39 -14.70
CA ALA A 79 -1.97 -11.53 -14.49
C ALA A 79 -1.64 -10.29 -13.66
N SER A 80 -0.72 -10.34 -12.70
CA SER A 80 -0.40 -9.16 -11.88
C SER A 80 0.38 -8.11 -12.66
N ALA A 81 1.32 -8.64 -13.44
CA ALA A 81 2.17 -7.75 -14.27
C ALA A 81 1.24 -6.94 -15.18
N GLU A 82 0.34 -7.70 -15.78
CA GLU A 82 -0.67 -7.15 -16.68
C GLU A 82 -1.56 -6.12 -16.01
N LEU A 83 -1.95 -6.33 -14.76
CA LEU A 83 -2.83 -5.39 -14.04
C LEU A 83 -2.09 -4.09 -13.79
N ALA A 84 -0.80 -4.21 -13.52
CA ALA A 84 -0.02 -2.97 -13.27
C ALA A 84 0.38 -2.26 -14.56
N LEU A 85 0.92 -2.99 -15.52
CA LEU A 85 1.42 -2.51 -16.80
C LEU A 85 0.38 -2.12 -17.84
N GLY A 86 -0.72 -2.84 -17.89
CA GLY A 86 -1.79 -2.59 -18.89
C GLY A 86 -1.42 -3.58 -20.02
N GLU A 87 -2.42 -4.17 -20.64
CA GLU A 87 -2.26 -5.14 -21.70
C GLU A 87 -1.64 -4.73 -23.03
N ASN A 88 -1.64 -3.46 -23.36
CA ASN A 88 -1.10 -2.97 -24.63
C ASN A 88 0.34 -2.51 -24.51
N SER A 89 0.75 -2.41 -23.25
CA SER A 89 2.11 -1.97 -22.90
C SER A 89 3.16 -2.74 -23.70
N GLU A 90 4.17 -2.02 -24.15
CA GLU A 90 5.29 -2.62 -24.91
C GLU A 90 6.08 -3.52 -23.99
N ALA A 91 6.29 -3.08 -22.74
CA ALA A 91 7.05 -3.86 -21.75
C ALA A 91 6.42 -5.23 -21.50
N PHE A 92 5.11 -5.20 -21.28
CA PHE A 92 4.36 -6.45 -21.05
C PHE A 92 4.45 -7.28 -22.33
N LYS A 93 4.05 -6.69 -23.44
CA LYS A 93 4.02 -7.34 -24.76
C LYS A 93 5.34 -7.97 -25.18
N SER A 94 6.43 -7.24 -24.95
CA SER A 94 7.77 -7.70 -25.31
C SER A 94 8.38 -8.66 -24.28
N GLY A 95 7.74 -8.85 -23.13
CA GLY A 95 8.22 -9.73 -22.07
C GLY A 95 9.53 -9.31 -21.41
N ARG A 96 9.76 -8.00 -21.34
CA ARG A 96 10.94 -7.37 -20.75
C ARG A 96 10.71 -7.21 -19.23
N TYR A 97 9.97 -8.10 -18.63
CA TYR A 97 9.70 -8.00 -17.19
C TYR A 97 9.78 -9.39 -16.55
N VAL A 98 10.03 -9.34 -15.26
CA VAL A 98 10.04 -10.53 -14.41
C VAL A 98 9.22 -10.06 -13.16
N THR A 99 8.23 -10.90 -12.95
CA THR A 99 7.28 -10.79 -11.86
C THR A 99 7.35 -12.11 -11.09
N VAL A 100 7.45 -11.95 -9.81
CA VAL A 100 7.56 -13.11 -8.87
C VAL A 100 6.55 -12.96 -7.75
N GLN A 101 5.80 -14.02 -7.49
CA GLN A 101 4.80 -13.95 -6.40
C GLN A 101 5.56 -13.62 -5.12
N GLY A 102 5.00 -12.77 -4.28
CA GLY A 102 5.67 -12.40 -3.02
C GLY A 102 4.69 -12.51 -1.86
N ILE A 103 5.18 -12.49 -0.63
CA ILE A 103 4.30 -12.57 0.55
C ILE A 103 3.64 -11.23 0.85
N SER A 104 2.65 -10.93 0.04
CA SER A 104 1.87 -9.69 0.06
C SER A 104 2.85 -8.55 -0.30
N GLY A 105 2.42 -7.33 -0.01
CA GLY A 105 3.22 -6.13 -0.33
C GLY A 105 4.51 -6.11 0.49
N THR A 106 4.39 -6.35 1.79
CA THR A 106 5.60 -6.37 2.63
C THR A 106 6.63 -7.38 2.14
N GLY A 107 6.19 -8.59 1.82
CA GLY A 107 7.03 -9.66 1.35
C GLY A 107 7.73 -9.29 0.04
N SER A 108 6.92 -8.75 -0.88
CA SER A 108 7.47 -8.34 -2.19
C SER A 108 8.55 -7.28 -2.05
N LEU A 109 8.29 -6.30 -1.20
CA LEU A 109 9.15 -5.12 -0.90
C LEU A 109 10.49 -5.55 -0.34
N ARG A 110 10.42 -6.53 0.53
CA ARG A 110 11.66 -7.06 1.17
C ARG A 110 12.38 -7.90 0.13
N VAL A 111 11.68 -8.64 -0.74
CA VAL A 111 12.41 -9.45 -1.76
C VAL A 111 13.20 -8.49 -2.67
N GLY A 112 12.58 -7.38 -2.99
CA GLY A 112 13.14 -6.31 -3.81
C GLY A 112 14.37 -5.66 -3.19
N ALA A 113 14.22 -5.25 -1.94
CA ALA A 113 15.28 -4.61 -1.14
C ALA A 113 16.48 -5.54 -1.01
N ASN A 114 16.21 -6.81 -0.79
CA ASN A 114 17.23 -7.84 -0.63
C ASN A 114 17.94 -8.05 -1.98
N PHE A 115 17.18 -8.01 -3.04
CA PHE A 115 17.65 -8.18 -4.41
C PHE A 115 18.63 -7.04 -4.72
N LEU A 116 18.11 -5.85 -4.40
CA LEU A 116 18.87 -4.61 -4.60
C LEU A 116 20.17 -4.61 -3.80
N GLN A 117 20.06 -4.96 -2.53
CA GLN A 117 21.23 -5.02 -1.64
C GLN A 117 22.32 -5.88 -2.31
N ARG A 118 21.90 -7.02 -2.84
CA ARG A 118 22.77 -7.96 -3.51
C ARG A 118 23.25 -7.53 -4.89
N PHE A 119 22.39 -7.01 -5.74
CA PHE A 119 22.78 -6.63 -7.11
C PHE A 119 22.84 -5.18 -7.52
N PHE A 120 22.33 -4.23 -6.76
CA PHE A 120 22.39 -2.83 -7.21
C PHE A 120 23.77 -2.27 -6.81
N LYS A 121 24.76 -2.41 -7.68
CA LYS A 121 26.12 -1.95 -7.36
C LYS A 121 26.39 -0.46 -7.39
N PHE A 122 25.46 0.38 -7.78
CA PHE A 122 25.70 1.83 -7.82
C PHE A 122 25.37 2.60 -6.55
N SER A 123 24.83 2.02 -5.52
CA SER A 123 24.48 2.82 -4.32
C SER A 123 23.85 1.96 -3.24
N ARG A 124 23.81 2.44 -2.02
CA ARG A 124 23.23 1.78 -0.86
C ARG A 124 22.11 2.66 -0.26
N ASP A 125 21.83 3.80 -0.89
CA ASP A 125 20.83 4.77 -0.42
C ASP A 125 19.44 4.72 -1.04
N VAL A 126 18.43 4.58 -0.20
CA VAL A 126 17.03 4.57 -0.64
C VAL A 126 16.40 5.84 -0.08
N TYR A 127 15.88 6.61 -1.03
CA TYR A 127 15.23 7.89 -0.64
C TYR A 127 13.75 7.76 -0.37
N LEU A 128 13.27 8.04 0.84
CA LEU A 128 11.83 7.94 1.18
C LEU A 128 11.22 9.35 1.27
N PRO A 129 9.92 9.42 0.99
CA PRO A 129 9.20 10.70 1.03
C PRO A 129 9.03 11.05 2.50
N LYS A 130 8.83 12.31 2.79
CA LYS A 130 8.57 12.72 4.20
C LYS A 130 7.11 13.17 4.33
N PRO A 131 6.26 12.44 5.02
CA PRO A 131 6.52 11.18 5.72
C PRO A 131 6.20 10.03 4.78
N SER A 132 6.48 8.84 5.24
CA SER A 132 6.20 7.63 4.47
C SER A 132 5.61 6.59 5.41
N TRP A 133 5.18 5.46 4.89
CA TRP A 133 4.62 4.39 5.75
C TRP A 133 5.75 3.98 6.71
N GLY A 134 5.47 3.93 8.00
CA GLY A 134 6.46 3.57 9.01
C GLY A 134 7.27 2.33 8.70
N ASN A 135 6.67 1.28 8.18
CA ASN A 135 7.39 0.03 7.87
C ASN A 135 8.42 0.15 6.76
N HIS A 136 8.40 1.19 5.92
CA HIS A 136 9.41 1.25 4.84
C HIS A 136 10.83 1.32 5.42
N THR A 137 10.98 2.02 6.54
CA THR A 137 12.32 2.17 7.12
C THR A 137 13.03 0.89 7.46
N PRO A 138 12.43 0.15 8.39
CA PRO A 138 12.99 -1.14 8.82
C PRO A 138 13.06 -2.16 7.68
N ILE A 139 12.20 -2.06 6.67
CA ILE A 139 12.30 -3.06 5.60
C ILE A 139 13.65 -2.89 4.89
N PHE A 140 13.97 -1.63 4.59
CA PHE A 140 15.20 -1.30 3.86
C PHE A 140 16.45 -1.43 4.73
N ARG A 141 16.23 -1.11 5.99
CA ARG A 141 17.32 -1.19 6.97
C ARG A 141 17.71 -2.64 7.23
N ASP A 142 16.75 -3.53 7.42
CA ASP A 142 17.07 -4.97 7.67
C ASP A 142 17.67 -5.61 6.43
N ALA A 143 17.28 -5.14 5.25
CA ALA A 143 17.83 -5.69 4.00
C ALA A 143 19.30 -5.27 3.85
N GLY A 144 19.74 -4.19 4.49
CA GLY A 144 21.11 -3.73 4.42
C GLY A 144 21.37 -2.45 3.67
N LEU A 145 20.34 -1.67 3.39
CA LEU A 145 20.55 -0.39 2.66
C LEU A 145 20.43 0.74 3.67
N GLN A 146 20.78 1.92 3.23
CA GLN A 146 20.82 3.16 4.00
C GLN A 146 19.60 3.99 3.64
N LEU A 147 19.00 4.67 4.58
CA LEU A 147 17.82 5.49 4.29
C LEU A 147 18.11 6.98 4.17
N GLN A 148 17.43 7.60 3.21
CA GLN A 148 17.55 9.07 3.00
C GLN A 148 16.12 9.61 2.86
N ALA A 149 16.00 10.92 2.71
CA ALA A 149 14.64 11.49 2.59
C ALA A 149 14.50 12.67 1.63
N TYR A 150 13.29 12.80 1.08
CA TYR A 150 12.98 13.93 0.19
C TYR A 150 11.71 14.56 0.77
N ARG A 151 11.61 15.89 0.65
CA ARG A 151 10.42 16.60 1.15
C ARG A 151 9.21 16.21 0.30
N TYR A 152 8.08 16.12 1.00
CA TYR A 152 6.82 15.73 0.34
C TYR A 152 5.56 16.41 0.85
N TYR A 153 5.25 16.18 2.12
CA TYR A 153 4.02 16.77 2.68
C TYR A 153 4.31 18.11 3.36
N ASP A 154 3.35 19.00 3.32
CA ASP A 154 3.41 20.32 3.94
C ASP A 154 2.16 20.42 4.84
N PRO A 155 2.42 20.25 6.13
CA PRO A 155 1.39 20.28 7.18
C PRO A 155 0.71 21.63 7.34
N LYS A 156 1.46 22.67 7.03
CA LYS A 156 0.90 24.03 7.12
C LYS A 156 -0.28 24.14 6.15
N THR A 157 -0.05 23.63 4.96
CA THR A 157 -1.01 23.65 3.86
C THR A 157 -1.83 22.41 3.61
N CYS A 158 -1.57 21.32 4.27
CA CYS A 158 -2.25 20.03 4.12
C CYS A 158 -2.22 19.57 2.67
N SER A 159 -1.03 19.69 2.08
CA SER A 159 -0.84 19.24 0.69
C SER A 159 0.63 19.06 0.38
N LEU A 160 0.82 18.65 -0.85
CA LEU A 160 2.15 18.37 -1.42
C LEU A 160 3.08 19.56 -1.51
N ASP A 161 4.27 19.51 -0.93
CA ASP A 161 5.26 20.62 -1.08
C ASP A 161 6.07 20.30 -2.35
N PHE A 162 5.50 20.65 -3.48
CA PHE A 162 6.09 20.39 -4.80
C PHE A 162 7.40 21.11 -5.01
N THR A 163 7.55 22.33 -4.55
CA THR A 163 8.85 23.04 -4.73
C THR A 163 9.95 22.30 -4.00
N GLY A 164 9.68 21.92 -2.76
CA GLY A 164 10.60 21.18 -1.90
C GLY A 164 10.95 19.82 -2.50
N ALA A 165 9.93 19.07 -2.90
CA ALA A 165 10.13 17.74 -3.50
C ALA A 165 11.13 17.80 -4.64
N MET A 166 10.87 18.67 -5.59
CA MET A 166 11.70 18.91 -6.77
C MET A 166 13.09 19.39 -6.38
N GLU A 167 13.21 20.25 -5.38
CA GLU A 167 14.56 20.71 -5.02
C GLU A 167 15.42 19.49 -4.63
N ASP A 168 14.95 18.83 -3.59
CA ASP A 168 15.55 17.62 -3.02
C ASP A 168 15.85 16.59 -4.12
N ILE A 169 14.83 16.25 -4.92
CA ILE A 169 15.01 15.26 -5.98
C ILE A 169 16.01 15.68 -7.06
N SER A 170 16.08 16.97 -7.33
CA SER A 170 17.04 17.45 -8.36
C SER A 170 18.47 17.33 -7.84
N LYS A 171 18.67 17.19 -6.54
CA LYS A 171 19.98 17.05 -5.89
C LYS A 171 20.35 15.64 -5.41
N ILE A 172 19.50 14.65 -5.59
CA ILE A 172 19.88 13.30 -5.10
C ILE A 172 20.98 12.89 -6.08
N PRO A 173 22.00 12.24 -5.61
CA PRO A 173 23.10 11.78 -6.47
C PRO A 173 22.64 10.74 -7.49
N GLU A 174 23.20 10.85 -8.68
CA GLU A 174 22.91 9.99 -9.84
C GLU A 174 22.99 8.51 -9.48
N LYS A 175 22.11 7.70 -10.07
CA LYS A 175 22.13 6.26 -9.77
C LYS A 175 21.77 5.86 -8.37
N SER A 176 21.12 6.70 -7.59
CA SER A 176 20.65 6.36 -6.23
C SER A 176 19.26 5.75 -6.49
N ILE A 177 18.65 5.26 -5.43
CA ILE A 177 17.31 4.66 -5.43
C ILE A 177 16.24 5.54 -4.80
N ILE A 178 15.13 5.73 -5.49
CA ILE A 178 14.01 6.54 -4.94
C ILE A 178 12.70 5.75 -4.87
N LEU A 179 12.05 5.83 -3.71
CA LEU A 179 10.78 5.12 -3.50
C LEU A 179 9.60 6.09 -3.62
N LEU A 180 8.68 5.66 -4.46
CA LEU A 180 7.48 6.44 -4.75
C LEU A 180 6.26 5.53 -4.56
N HIS A 181 5.25 6.15 -3.99
CA HIS A 181 3.97 5.43 -3.79
C HIS A 181 3.22 5.64 -5.10
N ALA A 182 2.79 4.58 -5.75
CA ALA A 182 2.07 4.71 -7.03
C ALA A 182 0.81 5.56 -6.91
N CYS A 183 0.00 5.40 -5.89
CA CYS A 183 -1.22 6.20 -5.71
C CYS A 183 -1.70 6.08 -4.26
N ALA A 184 -2.49 7.03 -3.77
CA ALA A 184 -2.99 6.98 -2.36
C ALA A 184 -1.84 6.88 -1.40
N HIS A 185 -1.02 7.93 -1.46
CA HIS A 185 0.18 7.98 -0.61
C HIS A 185 -0.27 7.72 0.83
N ASN A 186 0.53 6.93 1.53
CA ASN A 186 0.34 6.55 2.93
C ASN A 186 1.49 7.14 3.76
N PRO A 187 1.19 7.95 4.77
CA PRO A 187 -0.14 8.31 5.24
C PRO A 187 -0.85 9.59 4.93
N THR A 188 -0.40 10.38 3.97
CA THR A 188 -1.01 11.69 3.69
C THR A 188 -2.27 11.70 2.86
N GLY A 189 -2.48 10.67 2.05
CA GLY A 189 -3.68 10.67 1.18
C GLY A 189 -3.61 11.77 0.12
N VAL A 190 -2.43 12.31 -0.16
CA VAL A 190 -2.26 13.36 -1.18
C VAL A 190 -1.33 12.83 -2.29
N ASP A 191 -1.74 12.78 -3.54
CA ASP A 191 -0.85 12.29 -4.60
C ASP A 191 -0.49 13.48 -5.53
N PRO A 192 0.62 13.34 -6.24
CA PRO A 192 1.05 14.33 -7.23
C PRO A 192 -0.03 14.41 -8.31
N ARG A 193 -0.15 15.56 -8.95
CA ARG A 193 -1.14 15.73 -10.06
C ARG A 193 -0.52 15.15 -11.33
N GLN A 194 -1.25 14.69 -12.33
CA GLN A 194 -0.67 14.15 -13.58
C GLN A 194 0.51 14.94 -14.16
N GLU A 195 0.32 16.25 -14.17
CA GLU A 195 1.27 17.27 -14.62
C GLU A 195 2.48 17.24 -13.72
N GLN A 196 2.22 17.10 -12.42
CA GLN A 196 3.26 17.01 -11.39
C GLN A 196 4.10 15.75 -11.61
N TRP A 197 3.39 14.66 -11.87
CA TRP A 197 3.98 13.34 -12.12
C TRP A 197 4.87 13.45 -13.37
N LYS A 198 4.37 14.17 -14.38
CA LYS A 198 5.11 14.35 -15.63
C LYS A 198 6.48 14.96 -15.38
N GLU A 199 6.49 15.91 -14.46
CA GLU A 199 7.70 16.63 -14.05
C GLU A 199 8.70 15.86 -13.21
N LEU A 200 8.23 14.91 -12.40
CA LEU A 200 9.05 14.06 -11.55
C LEU A 200 9.79 13.06 -12.45
N ALA A 201 9.03 12.58 -13.42
CA ALA A 201 9.49 11.61 -14.43
C ALA A 201 10.78 12.11 -15.10
N SER A 202 10.74 13.34 -15.53
CA SER A 202 11.80 14.07 -16.20
C SER A 202 13.05 14.14 -15.33
N VAL A 203 12.81 14.52 -14.06
CA VAL A 203 13.94 14.64 -13.11
C VAL A 203 14.55 13.28 -12.75
N VAL A 204 13.71 12.25 -12.64
CA VAL A 204 14.21 10.91 -12.32
C VAL A 204 15.06 10.38 -13.47
N LYS A 205 14.53 10.64 -14.65
CA LYS A 205 15.13 10.20 -15.93
C LYS A 205 16.49 10.86 -16.04
N LYS A 206 16.47 12.17 -15.90
CA LYS A 206 17.63 13.06 -15.97
C LYS A 206 18.73 12.72 -14.98
N ARG A 207 18.40 12.37 -13.73
CA ARG A 207 19.44 12.05 -12.74
C ARG A 207 19.76 10.57 -12.73
N ASN A 208 19.12 9.82 -13.63
CA ASN A 208 19.39 8.38 -13.70
C ASN A 208 19.31 7.71 -12.33
N LEU A 209 18.12 7.74 -11.77
CA LEU A 209 17.77 7.18 -10.49
C LEU A 209 16.92 5.90 -10.72
N LEU A 210 17.06 4.95 -9.81
CA LEU A 210 16.27 3.73 -9.89
C LEU A 210 14.96 4.09 -9.14
N ALA A 211 13.88 3.97 -9.89
CA ALA A 211 12.57 4.27 -9.32
C ALA A 211 11.95 2.99 -8.78
N TYR A 212 11.67 3.01 -7.47
CA TYR A 212 11.02 1.86 -6.82
C TYR A 212 9.58 2.26 -6.45
N PHE A 213 8.62 1.66 -7.13
CA PHE A 213 7.20 1.94 -6.85
C PHE A 213 6.55 0.87 -5.97
N ASP A 214 5.87 1.41 -4.97
CA ASP A 214 5.07 0.70 -3.98
C ASP A 214 3.60 0.92 -4.37
N MET A 215 2.95 -0.10 -4.92
CA MET A 215 1.56 -0.06 -5.37
C MET A 215 0.70 -0.98 -4.51
N ALA A 216 0.39 -0.46 -3.35
CA ALA A 216 -0.44 -1.19 -2.38
C ALA A 216 -1.91 -0.86 -2.54
N TYR A 217 -2.27 0.29 -3.15
CA TYR A 217 -3.69 0.62 -3.29
C TYR A 217 -4.29 0.85 -4.66
N GLN A 218 -3.99 0.07 -5.67
CA GLN A 218 -4.52 0.22 -7.03
C GLN A 218 -6.05 0.03 -6.96
N GLY A 219 -6.73 1.10 -7.29
CA GLY A 219 -8.17 1.24 -7.34
C GLY A 219 -8.79 2.00 -6.17
N PHE A 220 -7.98 2.53 -5.27
CA PHE A 220 -8.47 3.24 -4.09
C PHE A 220 -8.33 4.75 -4.05
N ALA A 221 -7.58 5.20 -5.05
CA ALA A 221 -7.32 6.62 -5.20
C ALA A 221 -8.47 7.25 -5.97
N SER A 222 -8.89 6.62 -7.05
CA SER A 222 -10.00 7.19 -7.86
C SER A 222 -11.24 6.32 -7.95
N GLY A 223 -11.05 5.03 -7.85
CA GLY A 223 -12.06 3.97 -7.91
C GLY A 223 -11.95 3.19 -9.22
N ASP A 224 -10.96 3.60 -9.99
CA ASP A 224 -10.65 3.07 -11.31
C ASP A 224 -9.21 2.58 -11.33
N ILE A 225 -9.05 1.30 -11.59
CA ILE A 225 -7.71 0.71 -11.62
C ILE A 225 -6.76 1.16 -12.70
N ASN A 226 -7.23 1.49 -13.89
CA ASN A 226 -6.29 1.90 -14.95
C ASN A 226 -5.83 3.29 -14.61
N ARG A 227 -6.80 4.08 -14.12
CA ARG A 227 -6.44 5.48 -13.76
C ARG A 227 -5.43 5.54 -12.63
N ASP A 228 -5.54 4.63 -11.68
CA ASP A 228 -4.62 4.59 -10.53
C ASP A 228 -3.21 4.14 -10.95
N ALA A 229 -3.09 3.39 -12.05
CA ALA A 229 -1.78 2.92 -12.55
C ALA A 229 -1.12 3.87 -13.55
N TRP A 230 -1.69 5.04 -13.83
CA TRP A 230 -1.15 6.01 -14.78
C TRP A 230 0.30 6.44 -14.66
N ALA A 231 0.65 6.92 -13.47
CA ALA A 231 2.02 7.42 -13.23
C ALA A 231 3.05 6.35 -13.47
N LEU A 232 2.76 5.15 -12.95
CA LEU A 232 3.65 4.02 -13.07
C LEU A 232 3.87 3.73 -14.57
N ARG A 233 2.80 3.75 -15.32
CA ARG A 233 2.87 3.47 -16.75
C ARG A 233 3.58 4.59 -17.51
N HIS A 234 3.24 5.80 -17.06
CA HIS A 234 3.87 6.98 -17.71
C HIS A 234 5.38 6.89 -17.56
N PHE A 235 5.91 6.46 -16.42
CA PHE A 235 7.35 6.37 -16.18
C PHE A 235 8.04 5.39 -17.12
N ILE A 236 7.39 4.24 -17.27
CA ILE A 236 7.97 3.19 -18.13
C ILE A 236 8.01 3.56 -19.60
N GLU A 237 6.99 4.29 -20.02
CA GLU A 237 6.86 4.76 -21.41
C GLU A 237 7.78 5.94 -21.71
N GLN A 238 8.36 6.53 -20.69
CA GLN A 238 9.34 7.62 -20.78
C GLN A 238 10.73 6.95 -20.83
N GLY A 239 10.79 5.63 -20.68
CA GLY A 239 12.07 4.94 -20.74
C GLY A 239 12.70 4.64 -19.40
N ILE A 240 11.93 4.77 -18.34
CA ILE A 240 12.42 4.49 -16.97
C ILE A 240 12.12 3.02 -16.65
N ASP A 241 13.10 2.19 -16.36
CA ASP A 241 12.90 0.76 -16.02
C ASP A 241 12.78 0.72 -14.49
N VAL A 242 11.55 0.68 -14.02
CA VAL A 242 11.34 0.68 -12.56
C VAL A 242 11.32 -0.75 -12.05
N VAL A 243 11.19 -0.78 -10.73
CA VAL A 243 11.03 -2.02 -9.95
C VAL A 243 9.70 -1.66 -9.22
N LEU A 244 8.91 -2.68 -8.92
CA LEU A 244 7.62 -2.41 -8.27
C LEU A 244 7.11 -3.53 -7.37
N SER A 245 6.41 -3.11 -6.31
CA SER A 245 5.82 -4.14 -5.43
C SER A 245 4.29 -3.95 -5.42
N GLN A 246 3.53 -5.02 -5.59
CA GLN A 246 2.06 -4.97 -5.58
C GLN A 246 1.49 -5.78 -4.39
N SER A 247 0.39 -5.26 -3.88
CA SER A 247 -0.35 -5.91 -2.80
C SER A 247 -1.82 -6.07 -3.23
N TYR A 248 -2.42 -7.18 -2.86
CA TYR A 248 -3.83 -7.47 -3.13
C TYR A 248 -4.56 -7.50 -1.79
N ALA A 249 -3.90 -7.07 -0.71
CA ALA A 249 -4.54 -7.09 0.61
C ALA A 249 -5.78 -6.23 0.73
N HIS A 250 -5.73 -5.02 0.14
CA HIS A 250 -6.91 -4.12 0.26
C HIS A 250 -7.87 -4.15 -0.90
N ASN A 251 -7.40 -4.00 -2.14
CA ASN A 251 -8.30 -4.01 -3.30
C ASN A 251 -9.02 -5.33 -3.49
N MET A 252 -8.60 -6.44 -2.92
CA MET A 252 -9.31 -7.74 -3.05
C MET A 252 -9.68 -8.28 -1.66
N GLY A 253 -9.33 -7.51 -0.65
CA GLY A 253 -9.58 -7.84 0.75
C GLY A 253 -9.05 -9.22 1.11
N LEU A 254 -7.85 -9.54 0.67
CA LEU A 254 -7.14 -10.80 0.89
C LEU A 254 -6.15 -10.67 2.05
N TYR A 255 -6.30 -9.68 2.91
CA TYR A 255 -5.41 -9.40 4.03
C TYR A 255 -4.49 -10.51 4.55
N GLY A 256 -5.10 -11.43 5.27
CA GLY A 256 -4.42 -12.58 5.87
C GLY A 256 -4.02 -13.70 4.94
N GLU A 257 -4.45 -13.67 3.69
CA GLU A 257 -4.08 -14.74 2.75
C GLU A 257 -2.69 -14.50 2.17
N ARG A 258 -2.27 -13.26 2.21
CA ARG A 258 -0.99 -12.71 1.77
C ARG A 258 -0.63 -13.00 0.32
N ALA A 259 -1.20 -12.27 -0.60
CA ALA A 259 -0.99 -12.41 -2.05
C ALA A 259 -0.36 -11.11 -2.53
N GLY A 260 0.75 -11.12 -3.22
CA GLY A 260 1.38 -9.86 -3.69
C GLY A 260 2.41 -10.23 -4.76
N ALA A 261 3.14 -9.24 -5.25
CA ALA A 261 4.14 -9.53 -6.29
C ALA A 261 5.20 -8.47 -6.44
N PHE A 262 6.36 -8.88 -6.91
CA PHE A 262 7.50 -7.98 -7.11
C PHE A 262 7.95 -8.16 -8.56
N THR A 263 8.00 -7.05 -9.25
CA THR A 263 8.38 -6.95 -10.66
C THR A 263 9.61 -6.10 -10.95
N VAL A 264 10.35 -6.58 -11.96
CA VAL A 264 11.54 -5.81 -12.38
C VAL A 264 11.38 -5.61 -13.91
N ILE A 265 11.52 -4.38 -14.35
CA ILE A 265 11.45 -4.03 -15.77
C ILE A 265 12.93 -4.06 -16.23
N CYS A 266 13.22 -4.90 -17.18
CA CYS A 266 14.53 -5.13 -17.77
C CYS A 266 14.59 -4.64 -19.22
N ARG A 267 15.77 -4.72 -19.79
CA ARG A 267 16.03 -4.29 -21.17
C ARG A 267 15.55 -5.22 -22.27
N ASP A 268 15.54 -6.50 -22.04
CA ASP A 268 15.19 -7.61 -22.92
C ASP A 268 14.52 -8.76 -22.15
N ALA A 269 14.02 -9.74 -22.91
CA ALA A 269 13.46 -10.92 -22.21
C ALA A 269 14.63 -11.79 -21.75
N GLU A 270 15.77 -11.72 -22.43
CA GLU A 270 16.95 -12.52 -22.02
C GLU A 270 17.40 -12.00 -20.66
N GLU A 271 17.48 -10.69 -20.51
CA GLU A 271 17.86 -10.07 -19.22
C GLU A 271 16.89 -10.50 -18.12
N ALA A 272 15.59 -10.46 -18.45
CA ALA A 272 14.54 -10.88 -17.55
C ALA A 272 14.78 -12.32 -17.09
N LYS A 273 15.22 -13.19 -18.02
CA LYS A 273 15.48 -14.59 -17.63
C LYS A 273 16.61 -14.70 -16.62
N ARG A 274 17.68 -13.91 -16.74
CA ARG A 274 18.77 -14.01 -15.75
C ARG A 274 18.33 -13.37 -14.41
N VAL A 275 17.53 -12.30 -14.44
CA VAL A 275 17.11 -11.70 -13.16
C VAL A 275 16.22 -12.71 -12.39
N GLU A 276 15.35 -13.34 -13.18
CA GLU A 276 14.43 -14.34 -12.60
C GLU A 276 15.26 -15.36 -11.84
N SER A 277 16.23 -15.95 -12.51
CA SER A 277 17.12 -16.96 -11.91
C SER A 277 17.73 -16.51 -10.59
N GLN A 278 18.15 -15.26 -10.49
CA GLN A 278 18.77 -14.80 -9.22
C GLN A 278 17.70 -14.54 -8.17
N LEU A 279 16.50 -14.15 -8.59
CA LEU A 279 15.41 -13.91 -7.62
C LEU A 279 15.03 -15.25 -6.99
N LYS A 280 15.10 -16.33 -7.75
CA LYS A 280 14.74 -17.67 -7.22
C LYS A 280 15.73 -18.15 -6.18
N ILE A 281 16.99 -17.86 -6.48
CA ILE A 281 18.10 -18.20 -5.56
C ILE A 281 18.03 -17.46 -4.21
N LEU A 282 17.49 -16.26 -4.20
CA LEU A 282 17.28 -15.38 -3.07
C LEU A 282 16.06 -15.86 -2.25
N ILE A 283 15.02 -16.26 -2.96
CA ILE A 283 13.79 -16.71 -2.34
C ILE A 283 13.92 -18.12 -1.77
N ARG A 284 14.65 -18.98 -2.47
CA ARG A 284 14.76 -20.37 -1.94
C ARG A 284 15.15 -20.47 -0.49
N PRO A 285 16.21 -19.78 -0.04
CA PRO A 285 16.65 -19.80 1.35
C PRO A 285 15.92 -18.86 2.29
N MET A 286 14.89 -18.19 1.80
CA MET A 286 14.05 -17.25 2.57
C MET A 286 12.79 -17.98 3.03
N TYR A 287 11.97 -18.44 2.09
CA TYR A 287 10.76 -19.18 2.51
C TYR A 287 10.44 -20.31 1.56
N SER A 288 11.38 -20.65 0.69
CA SER A 288 11.30 -21.73 -0.30
C SER A 288 10.34 -21.51 -1.47
N ASN A 289 9.08 -21.51 -1.15
CA ASN A 289 7.98 -21.30 -2.15
C ASN A 289 6.86 -20.59 -1.38
N PRO A 290 6.03 -19.84 -2.06
CA PRO A 290 4.97 -19.02 -1.47
C PRO A 290 3.61 -19.66 -1.29
N PRO A 291 2.81 -19.01 -0.44
CA PRO A 291 1.46 -19.43 -0.08
C PRO A 291 0.46 -19.40 -1.24
N MET A 292 -0.16 -20.55 -1.49
CA MET A 292 -1.10 -20.75 -2.60
C MET A 292 -2.53 -20.27 -2.56
N ASN A 293 -3.20 -20.27 -1.45
CA ASN A 293 -4.62 -19.86 -1.39
C ASN A 293 -4.89 -18.48 -1.97
N GLY A 294 -4.28 -17.43 -1.46
CA GLY A 294 -4.48 -16.06 -1.97
C GLY A 294 -4.18 -15.93 -3.45
N ALA A 295 -3.12 -16.56 -3.93
CA ALA A 295 -2.74 -16.51 -5.36
C ALA A 295 -3.73 -17.25 -6.26
N ARG A 296 -4.30 -18.33 -5.79
CA ARG A 296 -5.30 -19.10 -6.57
C ARG A 296 -6.57 -18.25 -6.67
N ILE A 297 -7.05 -17.69 -5.56
CA ILE A 297 -8.25 -16.85 -5.57
C ILE A 297 -8.06 -15.68 -6.54
N ALA A 298 -6.95 -14.95 -6.34
CA ALA A 298 -6.64 -13.79 -7.18
C ALA A 298 -6.52 -14.11 -8.65
N SER A 299 -5.85 -15.18 -8.99
CA SER A 299 -5.65 -15.60 -10.41
C SER A 299 -7.01 -15.85 -11.08
N LEU A 300 -7.88 -16.55 -10.41
CA LEU A 300 -9.25 -16.91 -10.83
C LEU A 300 -10.05 -15.64 -11.09
N ILE A 301 -9.98 -14.65 -10.20
CA ILE A 301 -10.71 -13.41 -10.41
C ILE A 301 -10.21 -12.61 -11.61
N LEU A 302 -8.89 -12.44 -11.62
CA LEU A 302 -8.22 -11.70 -12.69
C LEU A 302 -8.36 -12.33 -14.08
N ASN A 303 -8.26 -13.65 -14.17
CA ASN A 303 -8.34 -14.37 -15.44
C ASN A 303 -9.73 -14.86 -15.84
N THR A 304 -10.76 -14.64 -15.05
CA THR A 304 -12.13 -15.06 -15.38
C THR A 304 -12.98 -13.79 -15.55
N PRO A 305 -13.18 -13.48 -16.82
CA PRO A 305 -13.92 -12.32 -17.30
C PRO A 305 -15.07 -11.76 -16.49
N GLU A 306 -15.94 -12.60 -16.01
CA GLU A 306 -17.14 -12.26 -15.25
C GLU A 306 -16.81 -11.93 -13.80
N LEU A 307 -15.76 -12.62 -13.36
CA LEU A 307 -15.26 -12.46 -11.99
C LEU A 307 -14.51 -11.12 -11.98
N ARG A 308 -13.77 -10.88 -13.06
CA ARG A 308 -13.02 -9.61 -13.09
C ARG A 308 -13.95 -8.40 -13.10
N LYS A 309 -14.96 -8.49 -13.98
CA LYS A 309 -15.92 -7.36 -14.10
C LYS A 309 -16.64 -7.20 -12.77
N GLU A 310 -16.98 -8.32 -12.14
CA GLU A 310 -17.65 -8.18 -10.83
C GLU A 310 -16.71 -7.46 -9.88
N TRP A 311 -15.46 -7.88 -9.80
CA TRP A 311 -14.40 -7.32 -8.96
C TRP A 311 -14.34 -5.80 -9.10
N LEU A 312 -14.30 -5.34 -10.34
CA LEU A 312 -14.23 -3.88 -10.60
C LEU A 312 -15.45 -3.10 -10.09
N VAL A 313 -16.62 -3.71 -10.08
CA VAL A 313 -17.83 -3.01 -9.56
C VAL A 313 -17.68 -2.85 -8.04
N GLU A 314 -17.15 -3.93 -7.49
CA GLU A 314 -16.87 -4.09 -6.08
C GLU A 314 -15.80 -3.11 -5.61
N VAL A 315 -14.74 -2.90 -6.37
CA VAL A 315 -13.68 -1.95 -5.99
C VAL A 315 -14.24 -0.52 -5.97
N LYS A 316 -15.11 -0.26 -6.91
CA LYS A 316 -15.77 1.03 -7.07
C LYS A 316 -16.72 1.28 -5.90
N GLY A 317 -17.45 0.24 -5.57
CA GLY A 317 -18.41 0.35 -4.44
C GLY A 317 -17.72 0.67 -3.12
N MET A 318 -16.56 0.10 -2.88
CA MET A 318 -15.71 0.25 -1.69
C MET A 318 -15.21 1.69 -1.57
N ALA A 319 -14.66 2.23 -2.64
CA ALA A 319 -14.13 3.58 -2.77
C ALA A 319 -15.21 4.63 -2.55
N ASP A 320 -16.36 4.38 -3.16
CA ASP A 320 -17.54 5.25 -3.06
C ASP A 320 -17.95 5.44 -1.59
N ARG A 321 -18.04 4.33 -0.86
CA ARG A 321 -18.41 4.24 0.54
C ARG A 321 -17.47 5.05 1.42
N ILE A 322 -16.19 4.95 1.06
CA ILE A 322 -15.15 5.69 1.78
C ILE A 322 -15.46 7.16 1.58
N ILE A 323 -15.78 7.51 0.34
CA ILE A 323 -16.13 8.93 0.06
C ILE A 323 -17.29 9.42 0.91
N SER A 324 -18.36 8.62 0.94
CA SER A 324 -19.56 8.97 1.73
C SER A 324 -19.22 9.14 3.21
N MET A 325 -18.32 8.33 3.74
CA MET A 325 -17.95 8.44 5.17
C MET A 325 -17.15 9.74 5.36
N ARG A 326 -16.29 10.08 4.39
CA ARG A 326 -15.49 11.31 4.48
C ARG A 326 -16.43 12.52 4.59
N THR A 327 -17.41 12.52 3.71
CA THR A 327 -18.44 13.55 3.55
C THR A 327 -19.22 13.74 4.85
N GLN A 328 -19.77 12.61 5.26
CA GLN A 328 -20.56 12.61 6.49
C GLN A 328 -19.76 12.98 7.71
N LEU A 329 -18.47 12.68 7.71
CA LEU A 329 -17.69 13.00 8.92
C LEU A 329 -17.67 14.51 9.06
N VAL A 330 -17.25 15.11 7.96
CA VAL A 330 -17.11 16.59 7.89
C VAL A 330 -18.37 17.32 8.32
N SER A 331 -19.48 16.86 7.78
CA SER A 331 -20.82 17.36 8.01
C SER A 331 -21.20 17.23 9.47
N ASN A 332 -20.83 16.10 10.02
CA ASN A 332 -21.12 15.83 11.45
C ASN A 332 -20.34 16.79 12.34
N LEU A 333 -19.11 17.04 11.89
CA LEU A 333 -18.25 17.96 12.63
C LEU A 333 -18.90 19.35 12.66
N LYS A 334 -19.35 19.80 11.50
CA LYS A 334 -20.00 21.14 11.46
C LYS A 334 -21.18 21.12 12.42
N LYS A 335 -22.01 20.14 12.25
CA LYS A 335 -23.21 19.84 13.01
C LYS A 335 -22.94 19.80 14.51
N GLU A 336 -21.80 19.23 14.91
CA GLU A 336 -21.46 19.19 16.34
C GLU A 336 -21.08 20.58 16.82
N GLY A 337 -20.70 21.43 15.89
CA GLY A 337 -20.32 22.83 16.13
C GLY A 337 -18.84 23.14 16.06
N SER A 338 -18.06 22.30 15.40
CA SER A 338 -16.62 22.45 15.27
C SER A 338 -16.20 23.64 14.41
N SER A 339 -15.35 24.46 14.98
CA SER A 339 -14.79 25.66 14.39
C SER A 339 -13.72 25.44 13.32
N HIS A 340 -12.99 24.36 13.52
CA HIS A 340 -11.91 24.03 12.58
C HIS A 340 -12.36 23.68 11.18
N ASN A 341 -11.32 23.82 10.37
CA ASN A 341 -11.41 23.54 8.91
C ASN A 341 -11.05 22.06 8.77
N TRP A 342 -12.03 21.27 8.38
CA TRP A 342 -11.84 19.82 8.21
C TRP A 342 -11.82 19.45 6.74
N GLN A 343 -11.55 20.41 5.87
CA GLN A 343 -11.52 20.19 4.41
C GLN A 343 -10.57 19.10 3.92
N HIS A 344 -9.43 18.92 4.56
CA HIS A 344 -8.42 17.91 4.21
C HIS A 344 -8.99 16.50 4.26
N ILE A 345 -9.95 16.27 5.11
CA ILE A 345 -10.66 15.01 5.31
C ILE A 345 -11.30 14.57 3.99
N THR A 346 -11.94 15.53 3.34
CA THR A 346 -12.63 15.27 2.06
C THR A 346 -11.72 15.47 0.86
N ASP A 347 -10.63 16.18 1.09
CA ASP A 347 -9.63 16.40 0.04
C ASP A 347 -8.74 15.17 -0.17
N GLN A 348 -8.37 14.47 0.89
CA GLN A 348 -7.50 13.28 0.86
C GLN A 348 -8.20 12.10 0.21
N ILE A 349 -7.39 11.22 -0.37
CA ILE A 349 -7.93 10.02 -1.04
C ILE A 349 -7.34 8.79 -0.39
N GLY A 350 -7.89 7.65 -0.74
CA GLY A 350 -7.38 6.37 -0.20
C GLY A 350 -8.24 6.05 1.03
N MET A 351 -7.74 5.15 1.84
CA MET A 351 -8.34 4.64 3.06
C MET A 351 -8.22 5.46 4.32
N PHE A 352 -7.35 6.47 4.31
CA PHE A 352 -7.13 7.28 5.50
C PHE A 352 -7.35 8.78 5.36
N CYS A 353 -7.11 9.34 6.54
CA CYS A 353 -7.19 10.80 6.72
C CYS A 353 -5.99 11.11 7.65
N PHE A 354 -5.22 12.08 7.21
CA PHE A 354 -4.06 12.54 8.00
C PHE A 354 -4.62 13.83 8.65
N THR A 355 -5.36 13.60 9.71
CA THR A 355 -6.09 14.52 10.53
C THR A 355 -5.35 15.72 11.13
N GLY A 356 -4.16 15.50 11.62
CA GLY A 356 -3.40 16.59 12.24
C GLY A 356 -3.57 16.69 13.76
N LEU A 357 -4.24 15.76 14.41
CA LEU A 357 -4.42 15.77 15.86
C LEU A 357 -3.04 15.54 16.53
N LYS A 358 -2.87 16.14 17.70
CA LYS A 358 -1.58 15.97 18.41
C LYS A 358 -1.73 14.71 19.25
N PRO A 359 -0.60 14.19 19.66
CA PRO A 359 -0.55 12.96 20.45
C PRO A 359 -1.33 12.98 21.76
N GLU A 360 -1.60 14.13 22.35
CA GLU A 360 -2.35 14.23 23.61
C GLU A 360 -3.84 14.01 23.32
N GLN A 361 -4.28 14.38 22.14
CA GLN A 361 -5.65 14.28 21.62
C GLN A 361 -5.99 12.86 21.15
N VAL A 362 -4.98 12.19 20.61
CA VAL A 362 -5.03 10.83 20.14
C VAL A 362 -5.23 9.93 21.38
N GLU A 363 -4.49 10.28 22.42
CA GLU A 363 -4.47 9.61 23.73
C GLU A 363 -5.83 9.72 24.42
N ARG A 364 -6.39 10.92 24.44
CA ARG A 364 -7.72 11.17 25.00
C ARG A 364 -8.76 10.36 24.25
N LEU A 365 -8.71 10.42 22.92
CA LEU A 365 -9.67 9.67 22.08
C LEU A 365 -9.78 8.19 22.47
N THR A 366 -8.62 7.60 22.71
CA THR A 366 -8.56 6.18 23.12
C THR A 366 -9.09 5.94 24.52
N LYS A 367 -8.64 6.76 25.46
CA LYS A 367 -9.05 6.60 26.87
C LYS A 367 -10.47 7.04 27.16
N GLU A 368 -11.00 8.10 26.55
CA GLU A 368 -12.39 8.46 26.88
C GLU A 368 -13.42 7.82 25.95
N PHE A 369 -13.02 7.69 24.69
CA PHE A 369 -13.97 7.13 23.70
C PHE A 369 -13.62 5.75 23.17
N SER A 370 -12.45 5.26 23.49
CA SER A 370 -12.04 3.94 22.97
C SER A 370 -11.98 3.92 21.44
N ILE A 371 -11.46 5.01 20.89
CA ILE A 371 -11.29 5.10 19.42
C ILE A 371 -9.76 4.96 19.26
N TYR A 372 -9.35 3.87 18.65
CA TYR A 372 -7.92 3.57 18.43
C TYR A 372 -7.46 4.05 17.06
N MET A 373 -6.35 4.76 17.00
CA MET A 373 -5.73 5.29 15.77
C MET A 373 -4.22 5.37 16.00
N THR A 374 -3.43 5.60 14.95
CA THR A 374 -1.98 5.69 15.18
C THR A 374 -1.68 7.05 15.78
N LYS A 375 -0.54 7.13 16.45
CA LYS A 375 -0.06 8.33 17.14
C LYS A 375 0.30 9.51 16.27
N ASP A 376 0.46 9.37 14.96
CA ASP A 376 0.79 10.46 14.04
C ASP A 376 -0.46 11.20 13.56
N GLY A 377 -1.62 10.84 14.09
CA GLY A 377 -2.90 11.46 13.73
C GLY A 377 -3.58 10.81 12.55
N ARG A 378 -3.08 9.65 12.12
CA ARG A 378 -3.65 8.93 10.97
C ARG A 378 -4.84 8.10 11.41
N ILE A 379 -5.97 8.18 10.72
CA ILE A 379 -7.16 7.40 11.05
C ILE A 379 -7.61 6.72 9.73
N SER A 380 -8.09 5.51 9.92
CA SER A 380 -8.58 4.73 8.75
C SER A 380 -10.09 5.03 8.67
N VAL A 381 -10.46 5.83 7.68
CA VAL A 381 -11.87 6.25 7.46
C VAL A 381 -12.66 5.11 6.85
N ALA A 382 -11.93 4.19 6.22
CA ALA A 382 -12.42 2.97 5.60
C ALA A 382 -13.13 2.07 6.61
N GLY A 383 -12.76 2.20 7.88
CA GLY A 383 -13.32 1.40 8.97
C GLY A 383 -14.49 2.08 9.69
N VAL A 384 -15.04 3.12 9.15
CA VAL A 384 -16.18 3.87 9.74
C VAL A 384 -17.48 3.37 9.07
N ALA A 385 -18.54 3.21 9.82
CA ALA A 385 -19.84 2.73 9.29
C ALA A 385 -20.83 3.87 9.50
N SER A 386 -22.00 3.74 8.88
CA SER A 386 -23.03 4.77 8.98
C SER A 386 -23.48 5.00 10.42
N SER A 387 -23.41 3.95 11.20
CA SER A 387 -23.82 3.94 12.61
C SER A 387 -22.86 4.51 13.61
N ASN A 388 -21.60 4.75 13.30
CA ASN A 388 -20.66 5.29 14.32
C ASN A 388 -19.95 6.53 13.79
N VAL A 389 -20.39 6.98 12.61
CA VAL A 389 -19.75 8.22 12.08
C VAL A 389 -20.08 9.37 13.03
N GLY A 390 -21.29 9.35 13.56
CA GLY A 390 -21.75 10.37 14.50
C GLY A 390 -20.90 10.33 15.76
N TYR A 391 -20.72 9.11 16.24
CA TYR A 391 -19.88 8.93 17.46
C TYR A 391 -18.50 9.52 17.20
N LEU A 392 -17.88 9.18 16.08
CA LEU A 392 -16.53 9.68 15.75
C LEU A 392 -16.45 11.19 15.78
N ALA A 393 -17.38 11.81 15.06
CA ALA A 393 -17.40 13.28 14.93
C ALA A 393 -17.57 13.97 16.27
N HIS A 394 -18.40 13.41 17.12
CA HIS A 394 -18.63 14.01 18.45
C HIS A 394 -17.33 13.98 19.26
N ALA A 395 -16.65 12.86 19.17
CA ALA A 395 -15.39 12.62 19.89
C ALA A 395 -14.27 13.55 19.44
N ILE A 396 -14.18 13.59 18.09
CA ILE A 396 -13.13 14.44 17.51
C ILE A 396 -13.34 15.87 18.02
N HIS A 397 -14.59 16.26 18.00
CA HIS A 397 -15.02 17.58 18.42
C HIS A 397 -14.69 17.82 19.89
N GLN A 398 -15.04 16.87 20.75
CA GLN A 398 -14.79 17.05 22.20
C GLN A 398 -13.33 17.35 22.51
N VAL A 399 -12.47 16.54 21.97
CA VAL A 399 -10.99 16.55 22.12
C VAL A 399 -10.25 17.67 21.42
N THR A 400 -10.94 18.40 20.58
CA THR A 400 -10.55 19.50 19.71
C THR A 400 -11.17 20.84 20.09
N LYS A 401 -12.36 20.75 20.62
CA LYS A 401 -13.22 21.82 21.12
C LYS A 401 -12.38 22.92 21.73
N1 PPD B . 2.75 -0.38 1.27
C2 PPD B . 1.94 0.51 1.88
C2A PPD B . 2.12 1.94 1.45
C3 PPD B . 1.01 0.00 2.84
O3 PPD B . 0.26 0.99 3.36
C4 PPD B . 0.95 -1.34 3.15
C4A PPD B . -0.06 -1.80 4.17
C5 PPD B . 1.85 -2.19 2.46
C6 PPD B . 2.73 -1.69 1.55
C5A PPD B . 1.91 -3.70 2.73
O4P PPD B . 0.72 -4.40 2.94
P PPD B . 0.66 -6.00 3.10
O1P PPD B . 1.96 -6.52 3.53
O2P PPD B . 0.29 -6.47 1.72
O3P PPD B . -0.37 -6.26 4.19
N PPD B . -0.13 -0.68 5.17
CA PPD B . -1.27 -0.87 6.10
CB PPD B . -1.12 -2.21 6.81
CG PPD B . 0.02 -2.44 7.75
OD1 PPD B . 0.76 -1.51 8.15
OD2 PPD B . 0.15 -3.67 8.05
C PPD B . -1.34 0.32 7.06
O PPD B . -2.07 0.31 8.13
OXT PPD B . -0.66 1.37 6.79
#